data_7P3D
#
_entry.id   7P3D
#
_cell.length_a   56.629
_cell.length_b   79.416
_cell.length_c   57.892
_cell.angle_alpha   90.000
_cell.angle_beta   116.440
_cell.angle_gamma   90.000
#
_symmetry.space_group_name_H-M   'P 1 21 1'
#
loop_
_entity.id
_entity.type
_entity.pdbx_description
1 polymer 'MHC class I antigen'
2 polymer Beta-2-microglobulin
3 polymer 'Spike glycoprotein'
4 non-polymer 1,2-ETHANEDIOL
5 non-polymer 'ACETATE ION'
6 non-polymer 'CALCIUM ION'
7 water water
#
loop_
_entity_poly.entity_id
_entity_poly.type
_entity_poly.pdbx_seq_one_letter_code
_entity_poly.pdbx_strand_id
1 'polypeptide(L)'
;GSHSMRYFFTSVSRPGRGEPRFIAVGYVDDTQFVRFDSDAASQRMEPRAPWIEQEGPEYWDGETRKVKAHSQTHRVDLGT
LRGYYNQSEAGSHTVQRMYGCDVGSDWRFLRGYHQYAYDGKDYIALKEDLRSWTAADMAAQTTKHKWEAAHVAEQLRAYL
EGTCVEWLRRYLENGKETLQRTDAPKTHMTHHAVSDHEATLRCWALSFYPAEITLTWQRDGEDQTQDTELVETRPAGDGT
FQKWAAVVVPSGQEQRYTCHVQHEGLPKPLTLRWEP
;
A
2 'polypeptide(L)'
;MIQRTPKIQVYSRHPAENGKSNFLNCYVSGFHPSDIEVDLLKNGERIEKVEHSDLSFSKDWSFYLLYYTEFTPTEKDEYA
CRVNHVTLSQPKIVKWDRDM
;
B
3 'polypeptide(L)' YLQPRTFLL C
#
loop_
_chem_comp.id
_chem_comp.type
_chem_comp.name
_chem_comp.formula
ACT non-polymer 'ACETATE ION' 'C2 H3 O2 -1'
CA non-polymer 'CALCIUM ION' 'Ca 2'
EDO non-polymer 1,2-ETHANEDIOL 'C2 H6 O2'
#
# COMPACT_ATOMS: atom_id res chain seq x y z
N GLY A 1 11.33 -13.62 12.70
CA GLY A 1 10.59 -14.13 11.53
C GLY A 1 10.76 -13.26 10.30
N SER A 2 9.66 -13.17 9.53
CA SER A 2 9.62 -13.02 8.05
C SER A 2 10.15 -11.65 7.58
N HIS A 3 10.78 -11.61 6.42
CA HIS A 3 11.02 -10.36 5.67
C HIS A 3 10.66 -10.57 4.21
N SER A 4 10.35 -9.48 3.50
CA SER A 4 9.97 -9.57 2.09
C SER A 4 10.62 -8.42 1.31
N MET A 5 10.90 -8.69 0.03
CA MET A 5 11.19 -7.66 -0.98
C MET A 5 10.13 -7.79 -2.04
N ARG A 6 9.49 -6.68 -2.40
CA ARG A 6 8.48 -6.71 -3.48
C ARG A 6 8.64 -5.49 -4.37
N TYR A 7 8.42 -5.71 -5.66
CA TYR A 7 8.30 -4.63 -6.66
C TYR A 7 6.87 -4.61 -7.21
N PHE A 8 6.33 -3.42 -7.39
CA PHE A 8 4.95 -3.15 -7.85
C PHE A 8 5.06 -2.24 -9.09
N PHE A 9 4.42 -2.64 -10.19
CA PHE A 9 4.55 -1.90 -11.48
C PHE A 9 3.17 -1.60 -11.99
N THR A 10 2.91 -0.34 -12.35
CA THR A 10 1.63 0.09 -12.96
C THR A 10 1.92 0.78 -14.29
N SER A 11 1.27 0.35 -15.36
CA SER A 11 1.42 0.97 -16.72
C SER A 11 0.02 1.30 -17.24
N VAL A 12 -0.25 2.58 -17.53
CA VAL A 12 -1.61 3.05 -17.90
C VAL A 12 -1.53 3.62 -19.32
N SER A 13 -2.28 3.07 -20.27
CA SER A 13 -2.24 3.55 -21.68
C SER A 13 -2.90 4.94 -21.72
N ARG A 14 -2.39 5.78 -22.59
CA ARG A 14 -2.86 7.15 -22.87
C ARG A 14 -3.26 7.27 -24.33
N PRO A 15 -4.48 6.89 -24.69
CA PRO A 15 -4.89 6.90 -26.10
C PRO A 15 -4.91 8.30 -26.72
N GLY A 16 -5.07 9.35 -25.90
CA GLY A 16 -5.17 10.73 -26.38
C GLY A 16 -3.87 11.20 -27.02
N ARG A 17 -2.76 10.90 -26.38
CA ARG A 17 -1.44 11.37 -26.81
C ARG A 17 -0.36 10.69 -25.96
N GLY A 18 0.64 10.12 -26.63
CA GLY A 18 1.89 9.74 -25.98
C GLY A 18 1.92 8.35 -25.42
N GLU A 19 2.92 8.11 -24.60
N GLU A 19 2.95 8.06 -24.65
CA GLU A 19 3.30 6.77 -24.09
CA GLU A 19 3.25 6.71 -24.17
C GLU A 19 2.54 6.50 -22.79
C GLU A 19 2.58 6.50 -22.81
N PRO A 20 2.47 5.23 -22.37
CA PRO A 20 1.80 4.88 -21.12
C PRO A 20 2.50 5.58 -19.94
N ARG A 21 1.72 5.95 -18.95
CA ARG A 21 2.25 6.33 -17.63
C ARG A 21 2.74 5.06 -16.91
N PHE A 22 4.00 5.05 -16.51
CA PHE A 22 4.64 3.91 -15.82
C PHE A 22 5.28 4.36 -14.51
N ILE A 23 4.89 3.66 -13.45
CA ILE A 23 5.33 3.90 -12.06
C ILE A 23 5.72 2.56 -11.45
N ALA A 24 6.96 2.50 -10.98
CA ALA A 24 7.53 1.31 -10.30
C ALA A 24 7.92 1.71 -8.88
N VAL A 25 7.58 0.88 -7.89
CA VAL A 25 8.04 1.13 -6.50
C VAL A 25 8.58 -0.20 -5.97
N GLY A 26 9.66 -0.14 -5.20
CA GLY A 26 10.23 -1.29 -4.48
C GLY A 26 10.04 -1.15 -2.99
N TYR A 27 9.73 -2.25 -2.31
CA TYR A 27 9.55 -2.28 -0.84
C TYR A 27 10.40 -3.37 -0.24
N VAL A 28 10.91 -3.09 0.96
CA VAL A 28 11.31 -4.15 1.89
C VAL A 28 10.29 -4.08 3.02
N ASP A 29 9.56 -5.17 3.18
CA ASP A 29 8.48 -5.24 4.19
C ASP A 29 7.54 -4.07 3.87
N ASP A 30 7.33 -3.18 4.84
CA ASP A 30 6.40 -2.05 4.67
C ASP A 30 7.19 -0.75 4.45
N THR A 31 8.46 -0.83 4.05
CA THR A 31 9.32 0.36 3.79
C THR A 31 9.57 0.48 2.28
N GLN A 32 9.04 1.54 1.66
CA GLN A 32 9.37 1.84 0.26
C GLN A 32 10.83 2.28 0.21
N PHE A 33 11.62 1.80 -0.75
CA PHE A 33 13.05 2.14 -0.83
C PHE A 33 13.42 2.69 -2.21
N VAL A 34 12.69 2.39 -3.26
CA VAL A 34 13.03 2.98 -4.59
C VAL A 34 11.75 3.34 -5.33
N ARG A 35 11.88 4.23 -6.30
CA ARG A 35 10.76 4.53 -7.22
C ARG A 35 11.31 4.78 -8.63
N PHE A 36 10.46 4.57 -9.63
CA PHE A 36 10.64 5.15 -10.98
C PHE A 36 9.30 5.70 -11.42
N ASP A 37 9.32 6.85 -12.08
CA ASP A 37 8.10 7.44 -12.69
C ASP A 37 8.46 7.95 -14.09
N SER A 38 7.83 7.43 -15.13
CA SER A 38 8.13 7.80 -16.54
C SER A 38 7.94 9.31 -16.72
N ASP A 39 7.11 9.97 -15.91
CA ASP A 39 6.82 11.43 -16.05
C ASP A 39 7.77 12.29 -15.20
N ALA A 40 8.68 11.71 -14.44
CA ALA A 40 9.62 12.51 -13.61
C ALA A 40 10.82 12.95 -14.48
N ALA A 41 11.52 14.00 -14.07
CA ALA A 41 12.62 14.62 -14.84
C ALA A 41 13.84 13.68 -14.91
N SER A 42 14.17 13.01 -13.80
CA SER A 42 15.42 12.25 -13.61
C SER A 42 15.58 11.15 -14.70
N GLN A 43 14.48 10.46 -15.04
CA GLN A 43 14.49 9.22 -15.87
C GLN A 43 15.47 8.24 -15.23
N ARG A 44 15.51 8.21 -13.90
CA ARG A 44 16.41 7.33 -13.13
C ARG A 44 15.60 6.61 -12.09
N MET A 45 16.06 5.42 -11.73
CA MET A 45 15.58 4.81 -10.49
C MET A 45 16.07 5.73 -9.36
N GLU A 46 15.17 6.11 -8.45
CA GLU A 46 15.47 7.11 -7.39
C GLU A 46 15.33 6.47 -6.02
N PRO A 47 16.18 6.88 -5.05
CA PRO A 47 16.08 6.40 -3.67
C PRO A 47 14.85 6.97 -2.96
N ARG A 48 14.21 6.19 -2.09
CA ARG A 48 13.06 6.69 -1.27
C ARG A 48 13.25 6.30 0.21
N ALA A 49 14.41 5.76 0.57
CA ALA A 49 14.81 5.49 1.97
C ALA A 49 16.28 5.83 2.09
N PRO A 50 16.73 6.57 3.13
CA PRO A 50 18.13 6.96 3.22
C PRO A 50 19.13 5.81 3.06
N TRP A 51 18.84 4.64 3.63
CA TRP A 51 19.84 3.54 3.71
C TRP A 51 20.18 2.99 2.31
N ILE A 52 19.32 3.13 1.30
CA ILE A 52 19.65 2.67 -0.08
C ILE A 52 20.63 3.64 -0.74
N GLU A 53 20.71 4.88 -0.27
CA GLU A 53 21.58 5.90 -0.90
C GLU A 53 23.05 5.51 -0.76
N GLN A 54 23.42 4.52 0.06
CA GLN A 54 24.85 4.12 0.15
C GLN A 54 25.22 3.17 -1.00
N GLU A 55 24.25 2.67 -1.78
CA GLU A 55 24.57 1.97 -3.04
C GLU A 55 25.28 2.97 -3.98
N GLY A 56 26.33 2.48 -4.65
CA GLY A 56 27.19 3.24 -5.56
C GLY A 56 26.62 3.38 -6.98
N PRO A 57 27.30 4.16 -7.84
CA PRO A 57 26.77 4.45 -9.19
C PRO A 57 26.51 3.20 -10.06
N GLU A 58 27.25 2.11 -9.94
CA GLU A 58 27.01 0.87 -10.72
C GLU A 58 25.61 0.32 -10.37
N TYR A 59 25.23 0.33 -9.10
CA TYR A 59 23.91 -0.10 -8.64
C TYR A 59 22.83 0.77 -9.33
N TRP A 60 22.93 2.09 -9.21
CA TRP A 60 21.86 2.94 -9.78
C TRP A 60 21.80 2.84 -11.31
N ASP A 61 22.94 2.71 -11.99
CA ASP A 61 22.94 2.56 -13.47
C ASP A 61 22.21 1.27 -13.87
N GLY A 62 22.48 0.18 -13.15
CA GLY A 62 21.87 -1.15 -13.41
C GLY A 62 20.38 -1.13 -13.13
N GLU A 63 19.94 -0.55 -12.01
CA GLU A 63 18.50 -0.49 -11.68
C GLU A 63 17.77 0.45 -12.65
N THR A 64 18.38 1.54 -13.05
CA THR A 64 17.80 2.44 -14.08
C THR A 64 17.63 1.69 -15.40
N ARG A 65 18.65 0.97 -15.85
CA ARG A 65 18.59 0.23 -17.14
CA ARG A 65 18.60 0.23 -17.14
C ARG A 65 17.45 -0.79 -17.06
N LYS A 66 17.40 -1.58 -16.00
CA LYS A 66 16.34 -2.60 -15.84
C LYS A 66 14.97 -1.95 -15.76
N VAL A 67 14.80 -0.84 -15.04
CA VAL A 67 13.44 -0.32 -14.77
C VAL A 67 12.92 0.30 -16.07
N LYS A 68 13.80 0.94 -16.85
CA LYS A 68 13.43 1.49 -18.19
C LYS A 68 13.03 0.34 -19.13
N ALA A 69 13.73 -0.78 -19.07
CA ALA A 69 13.40 -1.96 -19.90
C ALA A 69 12.05 -2.53 -19.43
N HIS A 70 11.82 -2.59 -18.12
CA HIS A 70 10.49 -2.99 -17.59
C HIS A 70 9.40 -2.09 -18.21
N SER A 71 9.59 -0.78 -18.21
CA SER A 71 8.58 0.18 -18.73
C SER A 71 8.29 -0.18 -20.19
N GLN A 72 9.29 -0.53 -20.97
CA GLN A 72 9.06 -0.87 -22.40
C GLN A 72 8.29 -2.21 -22.50
N THR A 73 8.67 -3.20 -21.71
CA THR A 73 7.95 -4.51 -21.65
C THR A 73 6.44 -4.24 -21.41
N HIS A 74 6.08 -3.39 -20.44
CA HIS A 74 4.64 -3.21 -20.05
C HIS A 74 3.94 -2.36 -21.10
N ARG A 75 4.67 -1.52 -21.83
CA ARG A 75 4.09 -0.77 -22.95
C ARG A 75 3.67 -1.80 -24.02
N VAL A 76 4.57 -2.73 -24.33
CA VAL A 76 4.30 -3.77 -25.34
C VAL A 76 3.10 -4.62 -24.86
N ASP A 77 3.11 -4.99 -23.59
CA ASP A 77 2.07 -5.84 -22.97
C ASP A 77 0.73 -5.16 -23.11
N LEU A 78 0.65 -3.85 -22.87
CA LEU A 78 -0.64 -3.14 -23.09
C LEU A 78 -1.17 -3.40 -24.52
N GLY A 79 -0.34 -3.27 -25.54
CA GLY A 79 -0.72 -3.54 -26.94
C GLY A 79 -1.11 -4.98 -27.14
N THR A 80 -0.37 -5.89 -26.55
CA THR A 80 -0.62 -7.34 -26.73
C THR A 80 -2.01 -7.67 -26.20
N LEU A 81 -2.32 -7.20 -25.00
CA LEU A 81 -3.59 -7.53 -24.29
C LEU A 81 -4.78 -6.83 -24.94
N ARG A 82 -4.58 -5.59 -25.43
N ARG A 82 -4.60 -5.60 -25.44
CA ARG A 82 -5.60 -4.88 -26.26
CA ARG A 82 -5.66 -4.92 -26.23
C ARG A 82 -6.03 -5.81 -27.39
C ARG A 82 -6.05 -5.83 -27.38
N GLY A 83 -5.05 -6.44 -28.04
CA GLY A 83 -5.26 -7.41 -29.14
C GLY A 83 -5.96 -8.67 -28.66
N TYR A 84 -5.43 -9.32 -27.61
CA TYR A 84 -6.00 -10.58 -27.06
C TYR A 84 -7.48 -10.38 -26.71
N TYR A 85 -7.86 -9.20 -26.16
CA TYR A 85 -9.22 -8.89 -25.65
C TYR A 85 -10.09 -8.21 -26.71
N ASN A 86 -9.56 -8.01 -27.91
N ASN A 86 -9.60 -8.09 -27.94
CA ASN A 86 -10.30 -7.47 -29.07
CA ASN A 86 -10.35 -7.49 -29.08
C ASN A 86 -10.82 -6.07 -28.74
C ASN A 86 -10.86 -6.10 -28.66
N GLN A 87 -10.00 -5.27 -28.06
CA GLN A 87 -10.42 -3.94 -27.57
C GLN A 87 -9.98 -2.87 -28.59
N SER A 88 -10.71 -1.76 -28.63
CA SER A 88 -10.39 -0.62 -29.53
C SER A 88 -9.23 0.17 -28.93
N GLU A 89 -8.62 1.06 -29.71
CA GLU A 89 -7.53 1.94 -29.23
C GLU A 89 -8.08 3.17 -28.51
N ALA A 90 -9.38 3.28 -28.32
CA ALA A 90 -10.03 4.50 -27.79
C ALA A 90 -9.87 4.57 -26.25
N GLY A 91 -9.86 3.44 -25.55
CA GLY A 91 -9.89 3.47 -24.07
C GLY A 91 -8.51 3.40 -23.43
N SER A 92 -8.39 3.86 -22.20
CA SER A 92 -7.22 3.65 -21.33
C SER A 92 -7.35 2.31 -20.58
N HIS A 93 -6.26 1.58 -20.54
CA HIS A 93 -6.18 0.26 -19.86
C HIS A 93 -4.97 0.24 -18.96
N THR A 94 -4.97 -0.71 -18.04
CA THR A 94 -3.93 -0.78 -16.99
C THR A 94 -3.35 -2.18 -16.94
N VAL A 95 -2.03 -2.27 -17.00
CA VAL A 95 -1.31 -3.53 -16.66
C VAL A 95 -0.60 -3.29 -15.33
N GLN A 96 -0.76 -4.23 -14.41
CA GLN A 96 -0.05 -4.23 -13.13
C GLN A 96 0.75 -5.51 -13.02
N ARG A 97 1.93 -5.40 -12.40
CA ARG A 97 2.79 -6.57 -12.12
C ARG A 97 3.32 -6.44 -10.69
N MET A 98 3.44 -7.54 -9.98
CA MET A 98 4.17 -7.57 -8.71
C MET A 98 5.05 -8.80 -8.74
N TYR A 99 6.29 -8.69 -8.28
CA TYR A 99 7.12 -9.87 -8.02
C TYR A 99 8.00 -9.65 -6.81
N GLY A 100 8.46 -10.74 -6.24
CA GLY A 100 9.43 -10.64 -5.13
C GLY A 100 9.51 -11.93 -4.34
N CYS A 101 10.20 -11.85 -3.21
CA CYS A 101 10.50 -13.05 -2.41
C CYS A 101 10.30 -12.76 -0.94
N ASP A 102 10.01 -13.81 -0.19
CA ASP A 102 9.97 -13.77 1.29
C ASP A 102 11.13 -14.62 1.79
N VAL A 103 11.68 -14.25 2.92
CA VAL A 103 12.56 -15.14 3.71
C VAL A 103 11.89 -15.36 5.06
N GLY A 104 12.10 -16.55 5.60
CA GLY A 104 11.46 -16.98 6.86
C GLY A 104 12.31 -16.61 8.05
N SER A 105 11.85 -17.06 9.23
CA SER A 105 12.49 -16.89 10.55
C SER A 105 13.91 -17.46 10.52
N ASP A 106 14.21 -18.40 9.61
CA ASP A 106 15.55 -19.05 9.53
C ASP A 106 16.44 -18.26 8.55
N TRP A 107 15.93 -17.17 7.99
CA TRP A 107 16.62 -16.29 7.01
C TRP A 107 16.81 -16.99 5.65
N ARG A 108 16.19 -18.14 5.43
CA ARG A 108 16.24 -18.73 4.07
C ARG A 108 14.99 -18.40 3.28
N PHE A 109 15.03 -18.67 1.98
CA PHE A 109 13.90 -18.51 1.05
C PHE A 109 12.65 -19.18 1.62
N LEU A 110 11.53 -18.50 1.59
CA LEU A 110 10.22 -19.03 2.04
C LEU A 110 9.28 -19.11 0.85
N ARG A 111 9.10 -18.01 0.11
N ARG A 111 9.08 -18.04 0.10
CA ARG A 111 8.03 -17.87 -0.93
CA ARG A 111 8.06 -18.06 -0.99
C ARG A 111 8.53 -16.97 -2.06
C ARG A 111 8.42 -16.99 -2.02
N GLY A 112 8.11 -17.26 -3.30
CA GLY A 112 8.31 -16.33 -4.44
C GLY A 112 6.97 -15.98 -5.07
N TYR A 113 6.92 -14.84 -5.74
CA TYR A 113 5.72 -14.30 -6.43
C TYR A 113 6.15 -13.65 -7.75
N HIS A 114 5.28 -13.78 -8.76
CA HIS A 114 5.40 -13.09 -10.06
C HIS A 114 4.02 -13.16 -10.69
N GLN A 115 3.27 -12.05 -10.69
CA GLN A 115 1.85 -12.10 -11.04
C GLN A 115 1.41 -10.77 -11.62
N TYR A 116 0.35 -10.83 -12.42
CA TYR A 116 -0.13 -9.70 -13.22
C TYR A 116 -1.62 -9.51 -13.04
N ALA A 117 -2.08 -8.28 -13.29
CA ALA A 117 -3.50 -7.98 -13.52
C ALA A 117 -3.64 -7.13 -14.78
N TYR A 118 -4.78 -7.23 -15.42
CA TYR A 118 -5.21 -6.33 -16.51
C TYR A 118 -6.54 -5.71 -16.14
N ASP A 119 -6.63 -4.40 -16.25
CA ASP A 119 -7.82 -3.62 -15.80
C ASP A 119 -8.34 -4.11 -14.43
N GLY A 120 -7.40 -4.32 -13.52
CA GLY A 120 -7.65 -4.59 -12.10
C GLY A 120 -8.16 -6.00 -11.81
N LYS A 121 -8.13 -6.91 -12.78
CA LYS A 121 -8.47 -8.34 -12.51
C LYS A 121 -7.23 -9.23 -12.73
N ASP A 122 -7.13 -10.29 -11.92
CA ASP A 122 -6.11 -11.35 -12.12
C ASP A 122 -5.99 -11.69 -13.61
N TYR A 123 -4.77 -11.71 -14.13
CA TYR A 123 -4.44 -12.17 -15.50
C TYR A 123 -3.69 -13.49 -15.38
N ILE A 124 -2.43 -13.45 -14.96
CA ILE A 124 -1.61 -14.68 -14.79
C ILE A 124 -0.74 -14.54 -13.54
N ALA A 125 -0.52 -15.66 -12.86
CA ALA A 125 0.23 -15.71 -11.59
C ALA A 125 1.08 -16.95 -11.53
N LEU A 126 2.34 -16.82 -11.15
CA LEU A 126 3.17 -18.01 -10.83
C LEU A 126 2.66 -18.65 -9.54
N LYS A 127 2.36 -19.94 -9.56
CA LYS A 127 1.85 -20.69 -8.39
C LYS A 127 2.99 -20.78 -7.36
N GLU A 128 2.65 -21.14 -6.14
CA GLU A 128 3.59 -21.19 -4.99
C GLU A 128 4.74 -22.16 -5.28
N ASP A 129 4.47 -23.26 -5.99
CA ASP A 129 5.53 -24.22 -6.38
C ASP A 129 6.54 -23.62 -7.36
N LEU A 130 6.31 -22.42 -7.90
CA LEU A 130 7.22 -21.75 -8.88
C LEU A 130 7.48 -22.67 -10.07
N ARG A 131 6.53 -23.56 -10.38
CA ARG A 131 6.64 -24.56 -11.46
C ARG A 131 5.58 -24.37 -12.54
N SER A 132 4.43 -23.75 -12.23
CA SER A 132 3.22 -23.72 -13.08
C SER A 132 2.51 -22.38 -12.90
N TRP A 133 1.60 -22.07 -13.83
CA TRP A 133 0.88 -20.78 -13.91
C TRP A 133 -0.61 -20.97 -13.65
N THR A 134 -1.21 -19.94 -13.07
CA THR A 134 -2.67 -19.77 -12.95
C THR A 134 -3.08 -18.68 -13.94
N ALA A 135 -3.73 -19.08 -15.03
CA ALA A 135 -4.25 -18.24 -16.11
C ALA A 135 -5.73 -18.07 -15.87
N ALA A 136 -6.20 -16.84 -15.64
CA ALA A 136 -7.59 -16.57 -15.27
C ALA A 136 -8.57 -16.79 -16.46
N ASP A 137 -8.12 -16.62 -17.70
CA ASP A 137 -9.03 -16.68 -18.88
C ASP A 137 -8.24 -17.08 -20.12
N MET A 138 -8.85 -17.04 -21.30
CA MET A 138 -8.23 -17.65 -22.49
C MET A 138 -7.16 -16.73 -23.08
N ALA A 139 -7.22 -15.44 -22.78
CA ALA A 139 -6.11 -14.52 -23.09
C ALA A 139 -4.87 -14.93 -22.28
N ALA A 140 -4.98 -14.99 -20.96
CA ALA A 140 -3.87 -15.41 -20.07
C ALA A 140 -3.39 -16.83 -20.43
N GLN A 141 -4.29 -17.70 -20.87
N GLN A 141 -4.29 -17.72 -20.86
CA GLN A 141 -3.94 -19.06 -21.35
CA GLN A 141 -3.90 -19.08 -21.34
C GLN A 141 -2.93 -18.98 -22.50
C GLN A 141 -2.89 -18.95 -22.49
N THR A 142 -3.09 -17.97 -23.36
CA THR A 142 -2.20 -17.73 -24.52
C THR A 142 -0.81 -17.40 -23.98
N THR A 143 -0.71 -16.47 -23.03
CA THR A 143 0.56 -16.16 -22.35
C THR A 143 1.07 -17.47 -21.72
N LYS A 144 0.18 -18.25 -21.10
CA LYS A 144 0.65 -19.42 -20.32
C LYS A 144 1.31 -20.42 -21.28
N HIS A 145 0.72 -20.69 -22.44
CA HIS A 145 1.32 -21.63 -23.41
C HIS A 145 2.71 -21.12 -23.82
N LYS A 146 2.80 -19.84 -24.14
CA LYS A 146 4.06 -19.20 -24.57
C LYS A 146 5.12 -19.41 -23.47
N TRP A 147 4.74 -19.17 -22.23
CA TRP A 147 5.68 -19.13 -21.09
C TRP A 147 6.11 -20.53 -20.69
N GLU A 148 5.23 -21.48 -20.83
CA GLU A 148 5.59 -22.89 -20.61
C GLU A 148 6.63 -23.33 -21.63
N ALA A 149 6.42 -23.03 -22.91
CA ALA A 149 7.33 -23.45 -23.99
C ALA A 149 8.70 -22.79 -23.78
N ALA A 150 8.76 -21.57 -23.27
CA ALA A 150 10.02 -20.81 -23.13
C ALA A 150 10.66 -21.03 -21.73
N HIS A 151 10.06 -21.87 -20.88
CA HIS A 151 10.60 -22.22 -19.52
C HIS A 151 10.78 -20.95 -18.66
N VAL A 152 9.82 -20.07 -18.71
CA VAL A 152 9.88 -18.80 -17.95
C VAL A 152 9.88 -19.09 -16.44
N ALA A 153 9.09 -20.05 -15.97
CA ALA A 153 9.03 -20.35 -14.52
C ALA A 153 10.43 -20.75 -14.03
N GLU A 154 11.12 -21.62 -14.77
CA GLU A 154 12.49 -22.07 -14.39
C GLU A 154 13.42 -20.84 -14.32
N GLN A 155 13.32 -19.93 -15.26
CA GLN A 155 14.23 -18.76 -15.28
C GLN A 155 13.90 -17.89 -14.05
N LEU A 156 12.63 -17.65 -13.75
CA LEU A 156 12.19 -16.84 -12.59
C LEU A 156 12.61 -17.49 -11.24
N ARG A 157 12.59 -18.82 -11.15
CA ARG A 157 12.93 -19.57 -9.91
C ARG A 157 14.34 -19.18 -9.49
N ALA A 158 15.27 -19.13 -10.43
CA ALA A 158 16.69 -18.74 -10.19
C ALA A 158 16.76 -17.35 -9.54
N TYR A 159 16.00 -16.36 -10.07
CA TYR A 159 15.93 -15.00 -9.47
C TYR A 159 15.24 -15.09 -8.10
N LEU A 160 14.09 -15.72 -8.01
CA LEU A 160 13.25 -15.67 -6.79
C LEU A 160 13.94 -16.40 -5.61
N GLU A 161 14.55 -17.55 -5.83
CA GLU A 161 15.16 -18.36 -4.76
C GLU A 161 16.60 -17.89 -4.52
N GLY A 162 17.20 -17.15 -5.46
CA GLY A 162 18.63 -16.82 -5.53
C GLY A 162 18.85 -15.34 -5.34
N THR A 163 19.03 -14.63 -6.44
CA THR A 163 19.32 -13.19 -6.47
C THR A 163 18.38 -12.44 -5.52
N CYS A 164 17.09 -12.70 -5.58
CA CYS A 164 16.08 -11.90 -4.85
C CYS A 164 16.40 -12.00 -3.33
N VAL A 165 16.67 -13.21 -2.86
CA VAL A 165 16.97 -13.48 -1.43
C VAL A 165 18.32 -12.84 -1.08
N GLU A 166 19.31 -12.95 -1.94
CA GLU A 166 20.67 -12.40 -1.65
C GLU A 166 20.55 -10.87 -1.48
N TRP A 167 19.83 -10.20 -2.38
CA TRP A 167 19.70 -8.71 -2.32
C TRP A 167 18.82 -8.29 -1.15
N LEU A 168 17.80 -9.06 -0.83
CA LEU A 168 16.92 -8.74 0.34
C LEU A 168 17.76 -8.78 1.61
N ARG A 169 18.60 -9.78 1.75
CA ARG A 169 19.47 -9.94 2.93
C ARG A 169 20.45 -8.77 2.96
N ARG A 170 20.96 -8.35 1.79
CA ARG A 170 21.93 -7.24 1.76
C ARG A 170 21.23 -5.96 2.24
N TYR A 171 20.02 -5.70 1.75
CA TYR A 171 19.25 -4.49 2.14
C TYR A 171 19.02 -4.52 3.66
N LEU A 172 18.63 -5.68 4.21
CA LEU A 172 18.20 -5.82 5.63
C LEU A 172 19.39 -5.55 6.55
N GLU A 173 20.60 -5.87 6.09
CA GLU A 173 21.83 -5.61 6.87
C GLU A 173 22.23 -4.13 6.76
N ASN A 174 22.19 -3.52 5.59
CA ASN A 174 22.56 -2.08 5.40
C ASN A 174 21.48 -1.10 5.88
N GLY A 175 20.19 -1.45 5.83
CA GLY A 175 19.10 -0.66 6.46
C GLY A 175 18.71 -1.14 7.86
N LYS A 176 19.55 -1.96 8.48
CA LYS A 176 19.21 -2.75 9.70
C LYS A 176 18.64 -1.87 10.83
N GLU A 177 19.19 -0.68 11.04
N GLU A 177 19.19 -0.66 11.04
CA GLU A 177 18.81 0.25 12.14
CA GLU A 177 18.81 0.25 12.16
C GLU A 177 17.29 0.47 12.15
C GLU A 177 17.29 0.49 12.16
N THR A 178 16.66 0.51 10.97
CA THR A 178 15.19 0.71 10.79
C THR A 178 14.52 -0.58 10.34
N LEU A 179 15.03 -1.27 9.33
CA LEU A 179 14.32 -2.45 8.76
C LEU A 179 14.21 -3.58 9.80
N GLN A 180 15.19 -3.78 10.68
CA GLN A 180 15.08 -4.87 11.70
C GLN A 180 14.65 -4.30 13.06
N ARG A 181 14.12 -3.08 13.11
CA ARG A 181 13.56 -2.51 14.37
C ARG A 181 12.04 -2.65 14.29
N THR A 182 11.42 -3.25 15.31
CA THR A 182 9.96 -3.25 15.47
C THR A 182 9.57 -2.04 16.33
N ASP A 183 8.58 -1.29 15.88
CA ASP A 183 7.98 -0.18 16.64
C ASP A 183 6.63 -0.66 17.16
N ALA A 184 6.57 -1.03 18.45
CA ALA A 184 5.33 -1.39 19.15
C ALA A 184 4.36 -0.23 19.08
N PRO A 185 3.06 -0.53 18.89
CA PRO A 185 2.04 0.48 18.95
C PRO A 185 2.10 1.20 20.29
N LYS A 186 1.94 2.53 20.22
N LYS A 186 2.04 2.53 20.24
CA LYS A 186 1.62 3.39 21.39
CA LYS A 186 1.62 3.38 21.37
C LYS A 186 0.09 3.44 21.55
C LYS A 186 0.10 3.27 21.48
N THR A 187 -0.40 2.83 22.64
CA THR A 187 -1.84 2.55 22.85
C THR A 187 -2.38 3.47 23.94
N HIS A 188 -3.62 3.88 23.76
CA HIS A 188 -4.44 4.51 24.80
C HIS A 188 -5.93 4.34 24.45
N MET A 189 -6.78 4.67 25.39
CA MET A 189 -8.24 4.62 25.14
C MET A 189 -8.83 6.01 25.39
N THR A 190 -9.78 6.44 24.56
CA THR A 190 -10.61 7.65 24.76
C THR A 190 -12.06 7.23 25.04
N HIS A 191 -12.80 8.15 25.65
CA HIS A 191 -14.19 7.96 26.13
C HIS A 191 -15.01 9.14 25.61
N HIS A 192 -16.13 8.90 24.92
CA HIS A 192 -17.02 9.97 24.35
C HIS A 192 -18.49 9.61 24.65
N ALA A 193 -19.19 10.45 25.41
CA ALA A 193 -20.63 10.28 25.71
C ALA A 193 -21.45 10.42 24.41
N VAL A 194 -22.25 9.40 24.06
CA VAL A 194 -23.19 9.40 22.89
C VAL A 194 -24.57 9.91 23.31
N SER A 195 -24.99 9.55 24.52
CA SER A 195 -26.28 9.89 25.16
C SER A 195 -26.03 10.02 26.65
N ASP A 196 -27.07 10.23 27.43
CA ASP A 196 -27.06 9.98 28.88
C ASP A 196 -26.87 8.46 29.15
N HIS A 197 -27.20 7.59 28.19
CA HIS A 197 -27.32 6.12 28.43
C HIS A 197 -26.12 5.35 27.86
N GLU A 198 -25.32 5.93 26.98
CA GLU A 198 -24.22 5.13 26.39
C GLU A 198 -23.05 5.99 25.98
N ALA A 199 -21.93 5.34 25.80
CA ALA A 199 -20.62 5.99 25.58
C ALA A 199 -19.86 5.16 24.55
N THR A 200 -18.98 5.82 23.82
CA THR A 200 -18.00 5.16 22.94
C THR A 200 -16.64 5.11 23.63
N LEU A 201 -16.10 3.91 23.76
CA LEU A 201 -14.67 3.67 24.06
C LEU A 201 -13.92 3.46 22.75
N ARG A 202 -12.86 4.21 22.53
CA ARG A 202 -12.04 4.05 21.33
C ARG A 202 -10.64 3.66 21.76
N CYS A 203 -10.17 2.53 21.24
CA CYS A 203 -8.86 1.94 21.46
C CYS A 203 -7.93 2.37 20.33
N TRP A 204 -6.92 3.17 20.64
CA TRP A 204 -5.95 3.67 19.65
C TRP A 204 -4.68 2.82 19.65
N ALA A 205 -4.16 2.53 18.44
CA ALA A 205 -2.80 2.02 18.21
C ALA A 205 -2.04 2.97 17.28
N LEU A 206 -0.98 3.63 17.76
CA LEU A 206 -0.33 4.69 16.97
C LEU A 206 1.16 4.38 16.79
N SER A 207 1.71 4.87 15.68
CA SER A 207 3.17 4.95 15.39
C SER A 207 3.82 3.56 15.46
N PHE A 208 3.17 2.57 14.86
CA PHE A 208 3.66 1.17 14.92
C PHE A 208 4.26 0.77 13.56
N TYR A 209 5.11 -0.24 13.61
CA TYR A 209 5.80 -0.81 12.42
C TYR A 209 6.28 -2.21 12.75
N PRO A 210 6.03 -3.21 11.89
CA PRO A 210 5.32 -3.03 10.60
C PRO A 210 3.79 -2.84 10.70
N ALA A 211 3.07 -2.82 9.56
CA ALA A 211 1.64 -2.45 9.50
C ALA A 211 0.74 -3.55 10.08
N GLU A 212 1.16 -4.80 10.07
CA GLU A 212 0.30 -5.92 10.52
C GLU A 212 -0.03 -5.74 12.02
N ILE A 213 -1.30 -5.73 12.39
CA ILE A 213 -1.78 -5.55 13.80
C ILE A 213 -3.15 -6.20 13.97
N THR A 214 -3.51 -6.56 15.20
CA THR A 214 -4.90 -6.98 15.53
C THR A 214 -5.35 -6.26 16.80
N LEU A 215 -6.53 -5.62 16.71
CA LEU A 215 -7.25 -5.00 17.84
C LEU A 215 -8.54 -5.76 18.00
N THR A 216 -8.86 -6.21 19.22
N THR A 216 -8.87 -6.20 19.23
CA THR A 216 -10.11 -6.93 19.51
CA THR A 216 -10.10 -6.96 19.53
C THR A 216 -10.70 -6.37 20.80
C THR A 216 -10.72 -6.46 20.84
N TRP A 217 -12.03 -6.27 20.84
CA TRP A 217 -12.79 -5.92 22.06
C TRP A 217 -13.26 -7.21 22.71
N GLN A 218 -13.18 -7.26 24.03
CA GLN A 218 -13.87 -8.27 24.85
C GLN A 218 -14.81 -7.57 25.84
N ARG A 219 -15.89 -8.27 26.18
CA ARG A 219 -16.78 -7.90 27.29
C ARG A 219 -16.72 -9.04 28.32
N ASP A 220 -16.35 -8.76 29.57
CA ASP A 220 -16.29 -9.81 30.61
C ASP A 220 -15.53 -11.03 30.03
N GLY A 221 -14.44 -10.79 29.31
CA GLY A 221 -13.50 -11.84 28.85
C GLY A 221 -14.04 -12.69 27.71
N GLU A 222 -15.05 -12.24 26.96
CA GLU A 222 -15.46 -12.89 25.69
C GLU A 222 -15.38 -11.89 24.52
N ASP A 223 -14.92 -12.37 23.37
CA ASP A 223 -14.85 -11.57 22.13
C ASP A 223 -16.21 -10.90 21.91
N GLN A 224 -16.18 -9.62 21.57
CA GLN A 224 -17.40 -8.91 21.15
C GLN A 224 -17.17 -8.20 19.81
N THR A 225 -18.08 -8.39 18.87
CA THR A 225 -18.06 -7.70 17.55
C THR A 225 -19.32 -6.84 17.39
N GLN A 226 -20.41 -7.23 18.01
CA GLN A 226 -21.63 -6.39 18.06
C GLN A 226 -21.30 -5.00 18.64
N ASP A 227 -21.76 -3.92 17.99
CA ASP A 227 -21.68 -2.54 18.50
C ASP A 227 -20.20 -2.09 18.52
N THR A 228 -19.39 -2.67 17.63
CA THR A 228 -17.99 -2.23 17.41
C THR A 228 -17.83 -1.63 16.01
N GLU A 229 -16.77 -0.84 15.85
CA GLU A 229 -16.46 -0.13 14.60
C GLU A 229 -14.95 -0.10 14.56
N LEU A 230 -14.36 -0.03 13.40
CA LEU A 230 -12.91 0.16 13.37
C LEU A 230 -12.59 0.99 12.13
N VAL A 231 -11.31 1.19 11.90
CA VAL A 231 -10.81 1.79 10.65
C VAL A 231 -9.73 0.86 10.12
N GLU A 232 -9.61 0.82 8.82
CA GLU A 232 -8.48 0.17 8.15
C GLU A 232 -7.19 0.83 8.64
N THR A 233 -6.15 0.04 8.69
CA THR A 233 -4.78 0.51 8.98
C THR A 233 -4.36 1.57 7.95
N ARG A 234 -3.76 2.66 8.44
CA ARG A 234 -3.48 3.85 7.63
C ARG A 234 -2.07 4.32 7.97
N PRO A 235 -1.35 4.85 6.97
CA PRO A 235 -0.01 5.40 7.17
C PRO A 235 -0.06 6.74 7.92
N ALA A 236 0.82 6.89 8.90
CA ALA A 236 1.03 8.14 9.65
C ALA A 236 1.72 9.16 8.73
N GLY A 237 2.52 8.71 7.75
CA GLY A 237 3.27 9.59 6.82
C GLY A 237 4.77 9.59 7.09
N ASP A 238 5.18 9.05 8.24
CA ASP A 238 6.60 9.06 8.69
C ASP A 238 7.14 7.64 8.64
N GLY A 239 6.40 6.73 8.02
CA GLY A 239 6.88 5.35 7.86
C GLY A 239 6.19 4.40 8.81
N THR A 240 5.43 4.92 9.77
CA THR A 240 4.67 4.13 10.77
C THR A 240 3.21 4.10 10.39
N PHE A 241 2.41 3.37 11.17
CA PHE A 241 0.99 3.09 10.89
C PHE A 241 0.15 3.37 12.12
N GLN A 242 -1.16 3.55 11.87
CA GLN A 242 -2.20 3.87 12.85
C GLN A 242 -3.43 3.00 12.63
N LYS A 243 -4.16 2.76 13.71
CA LYS A 243 -5.45 2.04 13.65
C LYS A 243 -6.25 2.31 14.91
N TRP A 244 -7.56 2.21 14.83
CA TRP A 244 -8.40 2.25 16.05
C TRP A 244 -9.60 1.32 15.90
N ALA A 245 -10.12 0.92 17.04
CA ALA A 245 -11.34 0.12 17.18
C ALA A 245 -12.15 0.73 18.30
N ALA A 246 -13.45 0.73 18.17
CA ALA A 246 -14.34 1.33 19.16
C ALA A 246 -15.50 0.39 19.44
N VAL A 247 -16.06 0.56 20.62
CA VAL A 247 -17.24 -0.17 21.10
C VAL A 247 -18.16 0.83 21.80
N VAL A 248 -19.47 0.68 21.60
CA VAL A 248 -20.49 1.47 22.29
C VAL A 248 -20.93 0.66 23.51
N VAL A 249 -21.01 1.29 24.67
CA VAL A 249 -21.25 0.55 25.91
C VAL A 249 -22.25 1.33 26.75
N PRO A 250 -23.03 0.63 27.61
CA PRO A 250 -23.85 1.35 28.58
C PRO A 250 -22.98 2.14 29.57
N SER A 251 -23.38 3.40 29.79
CA SER A 251 -22.67 4.34 30.68
C SER A 251 -22.60 3.75 32.08
N GLY A 252 -21.41 3.75 32.66
CA GLY A 252 -21.17 3.10 33.95
C GLY A 252 -20.65 1.68 33.81
N GLN A 253 -20.65 1.07 32.60
CA GLN A 253 -20.21 -0.36 32.46
C GLN A 253 -18.89 -0.43 31.70
N GLU A 254 -18.21 0.69 31.58
CA GLU A 254 -16.95 0.76 30.80
C GLU A 254 -15.93 -0.27 31.29
N GLN A 255 -15.84 -0.51 32.59
CA GLN A 255 -14.81 -1.39 33.18
C GLN A 255 -15.01 -2.86 32.70
N ARG A 256 -16.16 -3.26 32.17
CA ARG A 256 -16.37 -4.65 31.67
C ARG A 256 -15.58 -4.89 30.40
N TYR A 257 -15.13 -3.84 29.73
CA TYR A 257 -14.66 -3.91 28.32
C TYR A 257 -13.15 -3.78 28.27
N THR A 258 -12.50 -4.67 27.50
CA THR A 258 -11.04 -4.70 27.34
C THR A 258 -10.70 -4.67 25.86
N CYS A 259 -9.69 -3.88 25.52
CA CYS A 259 -9.18 -3.82 24.14
C CYS A 259 -7.87 -4.61 24.09
N HIS A 260 -7.77 -5.59 23.20
CA HIS A 260 -6.58 -6.47 23.07
C HIS A 260 -5.79 -6.13 21.83
N VAL A 261 -4.50 -5.87 21.99
CA VAL A 261 -3.57 -5.43 20.90
C VAL A 261 -2.46 -6.45 20.71
N GLN A 262 -2.35 -6.96 19.50
CA GLN A 262 -1.37 -7.98 19.08
C GLN A 262 -0.51 -7.37 17.99
N HIS A 263 0.78 -7.41 18.16
CA HIS A 263 1.75 -6.81 17.20
C HIS A 263 3.10 -7.46 17.37
N GLU A 264 3.86 -7.60 16.30
CA GLU A 264 5.22 -8.23 16.30
C GLU A 264 6.12 -7.54 17.33
N GLY A 265 5.94 -6.24 17.56
CA GLY A 265 6.78 -5.44 18.49
C GLY A 265 6.41 -5.60 19.95
N LEU A 266 5.34 -6.35 20.26
CA LEU A 266 4.87 -6.64 21.63
C LEU A 266 5.25 -8.07 21.97
N PRO A 267 6.16 -8.30 22.95
CA PRO A 267 6.49 -9.65 23.40
C PRO A 267 5.24 -10.41 23.87
N LYS A 268 4.37 -9.70 24.57
CA LYS A 268 3.06 -10.22 25.01
C LYS A 268 2.00 -9.25 24.51
N PRO A 269 0.82 -9.74 24.10
CA PRO A 269 -0.29 -8.85 23.79
C PRO A 269 -0.61 -7.87 24.93
N LEU A 270 -1.03 -6.65 24.60
CA LEU A 270 -1.46 -5.65 25.62
C LEU A 270 -2.97 -5.79 25.81
N THR A 271 -3.43 -5.50 27.02
CA THR A 271 -4.85 -5.38 27.39
C THR A 271 -5.07 -4.00 27.97
N LEU A 272 -6.00 -3.25 27.41
CA LEU A 272 -6.33 -1.89 27.90
C LEU A 272 -7.72 -1.96 28.48
N ARG A 273 -7.97 -1.17 29.50
CA ARG A 273 -9.28 -1.11 30.18
C ARG A 273 -9.51 0.33 30.64
N TRP A 274 -10.70 0.87 30.43
CA TRP A 274 -11.08 2.15 31.01
C TRP A 274 -11.20 1.96 32.54
N GLU A 275 -10.07 2.19 33.20
CA GLU A 275 -9.93 2.43 34.66
C GLU A 275 -9.61 3.92 34.88
N PRO A 276 -8.64 4.54 34.13
CA PRO A 276 -8.44 5.99 34.18
C PRO A 276 -9.65 6.77 33.65
N MET B 1 -12.73 -1.92 -18.08
CA MET B 1 -12.08 -2.12 -16.74
C MET B 1 -13.12 -2.57 -15.70
N ILE B 2 -12.73 -3.42 -14.72
CA ILE B 2 -13.39 -3.43 -13.37
C ILE B 2 -12.99 -2.11 -12.69
N GLN B 3 -13.97 -1.40 -12.13
CA GLN B 3 -13.76 -0.13 -11.40
C GLN B 3 -14.12 -0.33 -9.93
N ARG B 4 -13.36 0.28 -9.03
CA ARG B 4 -13.64 0.25 -7.58
C ARG B 4 -13.56 1.68 -7.06
N THR B 5 -14.50 2.06 -6.19
N THR B 5 -14.50 2.10 -6.21
CA THR B 5 -14.63 3.41 -5.60
CA THR B 5 -14.55 3.48 -5.71
C THR B 5 -13.58 3.61 -4.51
C THR B 5 -13.61 3.64 -4.51
N PRO B 6 -12.96 4.80 -4.36
CA PRO B 6 -12.00 5.01 -3.27
C PRO B 6 -12.66 5.05 -1.88
N LYS B 7 -12.03 4.35 -0.94
CA LYS B 7 -12.16 4.60 0.52
C LYS B 7 -11.37 5.86 0.88
N ILE B 8 -11.82 6.60 1.87
CA ILE B 8 -11.20 7.91 2.24
C ILE B 8 -11.09 7.95 3.76
N GLN B 9 -9.91 8.28 4.28
CA GLN B 9 -9.71 8.68 5.70
C GLN B 9 -8.98 10.02 5.75
N VAL B 10 -9.47 10.91 6.58
CA VAL B 10 -8.83 12.23 6.85
C VAL B 10 -8.45 12.28 8.33
N TYR B 11 -7.17 12.58 8.61
CA TYR B 11 -6.62 12.48 9.98
C TYR B 11 -5.27 13.22 10.07
N SER B 12 -4.88 13.54 11.28
CA SER B 12 -3.57 14.18 11.53
C SER B 12 -2.56 13.10 11.87
N ARG B 13 -1.30 13.34 11.58
CA ARG B 13 -0.24 12.40 11.93
C ARG B 13 -0.16 12.26 13.45
N HIS B 14 -0.18 13.37 14.17
CA HIS B 14 -0.06 13.45 15.64
C HIS B 14 -1.37 13.94 16.24
N PRO B 15 -1.60 13.72 17.55
CA PRO B 15 -2.76 14.28 18.22
C PRO B 15 -2.84 15.77 17.97
N ALA B 16 -4.02 16.24 17.60
CA ALA B 16 -4.21 17.65 17.22
C ALA B 16 -4.30 18.48 18.48
N GLU B 17 -3.35 19.39 18.61
CA GLU B 17 -3.36 20.42 19.65
C GLU B 17 -3.26 21.76 18.92
N ASN B 18 -4.17 22.67 19.22
CA ASN B 18 -4.17 24.04 18.66
C ASN B 18 -2.82 24.67 18.94
N GLY B 19 -2.21 25.20 17.87
CA GLY B 19 -0.96 25.96 17.90
C GLY B 19 0.26 25.08 17.78
N LYS B 20 0.09 23.76 17.64
CA LYS B 20 1.24 22.82 17.52
C LYS B 20 1.29 22.27 16.11
N SER B 21 2.40 22.51 15.41
CA SER B 21 2.56 22.06 14.01
C SER B 21 2.42 20.54 13.91
N ASN B 22 1.85 20.10 12.79
CA ASN B 22 1.31 18.75 12.60
C ASN B 22 1.28 18.49 11.08
N PHE B 23 0.79 17.32 10.69
CA PHE B 23 0.57 16.92 9.30
C PHE B 23 -0.88 16.54 9.16
N LEU B 24 -1.54 17.03 8.12
CA LEU B 24 -2.90 16.62 7.73
C LEU B 24 -2.77 15.61 6.60
N ASN B 25 -3.43 14.48 6.77
CA ASN B 25 -3.37 13.33 5.85
C ASN B 25 -4.74 13.08 5.23
N CYS B 26 -4.77 12.72 3.96
CA CYS B 26 -5.92 12.13 3.27
C CYS B 26 -5.48 10.86 2.58
N TYR B 27 -5.91 9.73 3.12
CA TYR B 27 -5.50 8.38 2.67
C TYR B 27 -6.64 7.86 1.83
N VAL B 28 -6.34 7.67 0.57
CA VAL B 28 -7.31 7.10 -0.41
C VAL B 28 -6.84 5.70 -0.81
N SER B 29 -7.74 4.74 -0.77
CA SER B 29 -7.37 3.32 -1.04
C SER B 29 -8.52 2.57 -1.67
N GLY B 30 -8.26 1.35 -2.14
CA GLY B 30 -9.30 0.45 -2.63
C GLY B 30 -9.86 0.84 -3.98
N PHE B 31 -9.18 1.69 -4.74
CA PHE B 31 -9.74 2.27 -5.98
C PHE B 31 -9.05 1.69 -7.22
N HIS B 32 -9.77 1.71 -8.32
CA HIS B 32 -9.36 1.27 -9.67
C HIS B 32 -10.30 1.92 -10.67
N PRO B 33 -9.81 2.54 -11.75
CA PRO B 33 -8.38 2.68 -12.02
C PRO B 33 -7.61 3.72 -11.19
N SER B 34 -6.34 3.98 -11.52
CA SER B 34 -5.41 4.74 -10.64
C SER B 34 -5.65 6.27 -10.76
N ASP B 35 -6.10 6.77 -11.91
CA ASP B 35 -6.34 8.23 -12.07
C ASP B 35 -7.33 8.69 -11.01
N ILE B 36 -6.95 9.71 -10.25
CA ILE B 36 -7.75 10.22 -9.11
C ILE B 36 -7.35 11.68 -8.88
N GLU B 37 -8.28 12.49 -8.42
CA GLU B 37 -7.99 13.89 -8.06
C GLU B 37 -8.24 14.02 -6.57
N VAL B 38 -7.25 14.49 -5.84
CA VAL B 38 -7.36 14.66 -4.37
C VAL B 38 -6.87 16.04 -3.99
N ASP B 39 -7.72 16.80 -3.34
CA ASP B 39 -7.33 18.11 -2.74
C ASP B 39 -7.55 18.06 -1.24
N LEU B 40 -6.66 18.73 -0.50
CA LEU B 40 -6.94 19.10 0.91
C LEU B 40 -7.49 20.53 0.95
N LEU B 41 -8.53 20.75 1.75
CA LEU B 41 -9.23 22.06 1.85
C LEU B 41 -9.00 22.65 3.24
N LYS B 42 -8.81 23.96 3.28
CA LYS B 42 -8.82 24.75 4.53
C LYS B 42 -9.99 25.69 4.42
N ASN B 43 -10.98 25.61 5.32
CA ASN B 43 -12.16 26.51 5.29
C ASN B 43 -12.71 26.54 3.85
N GLY B 44 -12.76 25.38 3.20
CA GLY B 44 -13.37 25.21 1.88
C GLY B 44 -12.46 25.55 0.71
N GLU B 45 -11.23 26.05 0.95
CA GLU B 45 -10.29 26.52 -0.12
C GLU B 45 -9.16 25.52 -0.28
N ARG B 46 -8.82 25.22 -1.53
CA ARG B 46 -7.77 24.25 -1.90
C ARG B 46 -6.45 24.69 -1.26
N ILE B 47 -5.70 23.80 -0.61
CA ILE B 47 -4.32 24.08 -0.11
C ILE B 47 -3.34 23.77 -1.24
N GLU B 48 -2.33 24.63 -1.46
CA GLU B 48 -1.33 24.54 -2.56
C GLU B 48 -0.21 23.54 -2.25
N LYS B 49 0.49 23.64 -1.11
CA LYS B 49 1.67 22.80 -0.82
C LYS B 49 1.17 21.44 -0.30
N VAL B 50 0.63 20.60 -1.16
CA VAL B 50 0.19 19.21 -0.85
C VAL B 50 1.04 18.26 -1.66
N GLU B 51 1.64 17.30 -1.00
CA GLU B 51 2.40 16.23 -1.68
C GLU B 51 1.69 14.91 -1.57
N HIS B 52 2.12 13.92 -2.35
CA HIS B 52 1.52 12.58 -2.24
C HIS B 52 2.58 11.51 -2.38
N SER B 53 2.25 10.35 -1.87
CA SER B 53 3.08 9.12 -1.93
C SER B 53 3.11 8.60 -3.37
N ASP B 54 4.08 7.76 -3.67
CA ASP B 54 4.18 7.09 -4.98
C ASP B 54 3.10 6.00 -5.07
N LEU B 55 2.44 5.90 -6.22
CA LEU B 55 1.35 4.94 -6.48
C LEU B 55 1.81 3.52 -6.15
N SER B 56 1.09 2.85 -5.28
CA SER B 56 1.23 1.42 -5.04
C SER B 56 -0.16 0.79 -4.96
N PHE B 57 -0.18 -0.52 -4.85
CA PHE B 57 -1.45 -1.25 -4.82
C PHE B 57 -1.34 -2.45 -3.88
N SER B 58 -2.50 -2.88 -3.46
CA SER B 58 -2.71 -3.95 -2.48
C SER B 58 -2.73 -5.28 -3.18
N LYS B 59 -2.85 -6.35 -2.42
CA LYS B 59 -2.88 -7.74 -2.93
C LYS B 59 -4.03 -7.90 -3.95
N ASP B 60 -5.15 -7.19 -3.80
CA ASP B 60 -6.33 -7.31 -4.70
C ASP B 60 -6.22 -6.39 -5.92
N TRP B 61 -5.08 -5.74 -6.12
CA TRP B 61 -4.70 -4.89 -7.27
C TRP B 61 -5.23 -3.47 -7.15
N SER B 62 -6.00 -3.18 -6.10
CA SER B 62 -6.54 -1.83 -5.85
C SER B 62 -5.43 -0.88 -5.35
N PHE B 63 -5.51 0.39 -5.77
CA PHE B 63 -4.47 1.43 -5.61
C PHE B 63 -4.63 2.12 -4.25
N TYR B 64 -3.54 2.64 -3.72
CA TYR B 64 -3.61 3.53 -2.55
C TYR B 64 -2.58 4.65 -2.70
N LEU B 65 -2.94 5.83 -2.18
CA LEU B 65 -2.09 7.01 -2.12
C LEU B 65 -2.35 7.72 -0.78
N LEU B 66 -1.30 8.31 -0.24
CA LEU B 66 -1.41 9.27 0.86
C LEU B 66 -1.13 10.67 0.31
N TYR B 67 -2.07 11.57 0.54
CA TYR B 67 -1.89 13.02 0.32
C TYR B 67 -1.74 13.68 1.68
N TYR B 68 -0.83 14.66 1.76
CA TYR B 68 -0.45 15.26 3.06
C TYR B 68 0.10 16.66 2.90
N THR B 69 -0.01 17.43 3.98
CA THR B 69 0.54 18.80 4.08
C THR B 69 0.87 19.08 5.54
N GLU B 70 1.94 19.83 5.79
CA GLU B 70 2.16 20.43 7.14
C GLU B 70 1.06 21.43 7.40
N PHE B 71 0.59 21.53 8.66
CA PHE B 71 -0.42 22.52 9.09
C PHE B 71 -0.30 22.67 10.59
N THR B 72 -0.83 23.76 11.08
CA THR B 72 -0.97 24.04 12.51
C THR B 72 -2.45 24.23 12.80
N PRO B 73 -3.09 23.26 13.48
CA PRO B 73 -4.48 23.39 13.83
C PRO B 73 -4.71 24.60 14.73
N THR B 74 -5.82 25.28 14.47
CA THR B 74 -6.42 26.32 15.32
C THR B 74 -7.87 25.94 15.59
N GLU B 75 -8.44 26.52 16.64
CA GLU B 75 -9.81 26.30 17.11
C GLU B 75 -10.81 26.51 15.96
N LYS B 76 -10.60 27.55 15.17
CA LYS B 76 -11.58 28.07 14.21
C LYS B 76 -11.46 27.41 12.84
N ASP B 77 -10.27 26.94 12.44
CA ASP B 77 -10.01 26.44 11.07
C ASP B 77 -10.64 25.06 10.87
N GLU B 78 -11.29 24.86 9.74
CA GLU B 78 -11.88 23.55 9.34
C GLU B 78 -11.05 23.04 8.17
N TYR B 79 -10.84 21.72 8.15
CA TYR B 79 -10.12 21.02 7.07
C TYR B 79 -10.97 19.88 6.52
N ALA B 80 -10.69 19.49 5.29
CA ALA B 80 -11.42 18.45 4.59
C ALA B 80 -10.57 17.93 3.44
N CYS B 81 -10.95 16.78 2.94
CA CYS B 81 -10.33 16.13 1.78
C CYS B 81 -11.41 16.02 0.72
N ARG B 82 -11.09 16.42 -0.51
CA ARG B 82 -12.02 16.43 -1.65
C ARG B 82 -11.47 15.50 -2.74
N VAL B 83 -12.24 14.47 -3.07
CA VAL B 83 -11.77 13.39 -3.97
C VAL B 83 -12.72 13.30 -5.16
N ASN B 84 -12.16 13.17 -6.34
CA ASN B 84 -12.95 12.83 -7.54
C ASN B 84 -12.22 11.68 -8.25
N HIS B 85 -13.01 10.85 -8.89
CA HIS B 85 -12.61 9.58 -9.50
C HIS B 85 -13.68 9.16 -10.51
N VAL B 86 -13.38 8.31 -11.50
CA VAL B 86 -14.39 8.02 -12.55
C VAL B 86 -15.63 7.38 -11.91
N THR B 87 -15.47 6.70 -10.76
CA THR B 87 -16.59 6.01 -10.06
C THR B 87 -17.51 6.98 -9.32
N LEU B 88 -17.25 8.29 -9.28
CA LEU B 88 -18.07 9.22 -8.46
C LEU B 88 -18.76 10.24 -9.37
N SER B 89 -20.07 10.40 -9.24
CA SER B 89 -20.83 11.31 -10.12
C SER B 89 -20.51 12.77 -9.75
N GLN B 90 -19.98 13.01 -8.56
CA GLN B 90 -19.51 14.35 -8.15
C GLN B 90 -18.41 14.18 -7.11
N PRO B 91 -17.57 15.21 -6.86
CA PRO B 91 -16.51 15.11 -5.87
C PRO B 91 -17.10 14.78 -4.49
N LYS B 92 -16.40 13.88 -3.77
CA LYS B 92 -16.71 13.48 -2.38
C LYS B 92 -15.88 14.35 -1.43
N ILE B 93 -16.52 15.05 -0.49
CA ILE B 93 -15.78 15.84 0.54
C ILE B 93 -15.91 15.11 1.86
N VAL B 94 -14.78 14.82 2.51
CA VAL B 94 -14.78 14.20 3.86
C VAL B 94 -14.12 15.20 4.78
N LYS B 95 -14.86 15.62 5.82
CA LYS B 95 -14.37 16.60 6.82
C LYS B 95 -13.36 15.91 7.74
N TRP B 96 -12.26 16.59 8.09
CA TRP B 96 -11.42 16.22 9.26
C TRP B 96 -12.22 16.27 10.56
N ASP B 97 -12.43 15.10 11.18
CA ASP B 97 -12.89 15.01 12.59
C ASP B 97 -11.67 14.67 13.42
N ARG B 98 -11.30 15.51 14.38
CA ARG B 98 -10.00 15.36 15.07
C ARG B 98 -10.01 14.11 15.99
N ASP B 99 -11.19 13.50 16.25
CA ASP B 99 -11.31 12.29 17.12
C ASP B 99 -11.26 10.97 16.34
N MET B 100 -10.90 10.99 15.05
CA MET B 100 -11.05 9.79 14.17
C MET B 100 -9.79 9.53 13.33
N TYR C 1 16.65 -5.20 -5.93
CA TYR C 1 17.43 -5.48 -7.15
C TYR C 1 16.49 -6.11 -8.18
N LEU C 2 16.19 -5.38 -9.26
CA LEU C 2 15.17 -5.84 -10.23
C LEU C 2 15.63 -7.11 -10.92
N GLN C 3 14.69 -7.96 -11.32
CA GLN C 3 15.00 -9.14 -12.14
C GLN C 3 15.51 -8.67 -13.51
N PRO C 4 16.55 -9.35 -14.06
CA PRO C 4 17.25 -8.86 -15.27
C PRO C 4 16.84 -9.44 -16.64
N ARG C 5 15.85 -10.32 -16.70
CA ARG C 5 15.47 -11.01 -17.97
C ARG C 5 14.22 -10.36 -18.51
N THR C 6 13.83 -10.73 -19.71
CA THR C 6 12.68 -10.16 -20.42
C THR C 6 11.62 -11.23 -20.57
N PHE C 7 10.43 -10.97 -20.07
CA PHE C 7 9.23 -11.83 -20.23
C PHE C 7 8.06 -10.98 -20.73
N LEU C 8 7.55 -11.28 -21.91
CA LEU C 8 6.44 -10.54 -22.57
C LEU C 8 5.16 -11.36 -22.50
N LEU C 9 4.03 -10.71 -22.18
CA LEU C 9 2.72 -11.40 -22.14
C LEU C 9 2.29 -11.82 -23.55
C1 EDO D . 10.77 -7.67 -18.63
O1 EDO D . 10.19 -8.76 -17.89
C2 EDO D . 11.33 -6.60 -17.78
O2 EDO D . 12.65 -6.08 -18.19
C1 EDO E . 7.42 3.46 -21.83
O1 EDO E . 6.76 3.57 -23.09
C2 EDO E . 6.76 4.25 -20.74
O2 EDO E . 5.38 3.95 -20.61
C ACT F . 15.70 6.29 13.01
O ACT F . 16.16 7.35 12.54
OXT ACT F . 14.57 5.86 12.76
CH3 ACT F . 16.58 5.51 13.96
C1 EDO G . -4.35 10.22 14.87
O1 EDO G . -4.98 10.68 13.71
C2 EDO G . -4.21 11.30 15.88
O2 EDO G . -3.35 10.96 16.93
C1 EDO H . 2.04 -3.00 -0.19
O1 EDO H . 1.78 -2.36 -1.42
C2 EDO H . 3.44 -2.87 0.26
O2 EDO H . 3.59 -3.00 1.65
C1 EDO I . -1.58 7.13 -13.11
O1 EDO I . -2.92 7.14 -12.63
C2 EDO I . -0.67 8.02 -12.36
O2 EDO I . -1.03 8.18 -11.03
CA CA J . -16.06 11.56 -11.25
C1 EDO K . 9.22 -15.88 -23.22
O1 EDO K . 8.00 -16.08 -23.91
C2 EDO K . 9.28 -14.56 -22.55
O2 EDO K . 8.62 -13.53 -23.28
#